data_1VLY
#
_entry.id   1VLY
#
_cell.length_a   44.814
_cell.length_b   50.080
_cell.length_c   52.014
_cell.angle_alpha   94.68
_cell.angle_beta   115.29
_cell.angle_gamma   116.46
#
_symmetry.space_group_name_H-M   'P 1'
#
loop_
_entity.id
_entity.type
_entity.pdbx_description
1 polymer 'Unknown protein from 2D-page'
2 non-polymer 'ACETATE ION'
3 non-polymer 'CALCIUM ION'
4 non-polymer 'CHLORIDE ION'
5 non-polymer 1,2-ETHANEDIOL
6 water water
#
_entity_poly.entity_id   1
_entity_poly.type   'polypeptide(L)'
_entity_poly.pdbx_seq_one_letter_code
;(MSE)GSDKIHHHHHH(MSE)AFTPFPPRQPTASARLPLTL(MSE)TLDDWALATITGADSEKY(MSE)QGQVTADVSQ
(MSE)AEDQHLLAAHCDAKGK(MSE)WSNLRLFRDGDGFAWIERRSVREPQLTELKKYAVFSKVTIAPDDERVLLGVAGF
QARAALANLFSELPSKEKQVVKEGATTLLWFEHPAERFLIVTDEATAN(MSE)LTDKLRGEAELNNSQQWLALNIEAGFP
VIDAANSGQFIPQATNLQALGGISFKKGCYTGQE(MSE)VARAKFRGANKRALWLLAGSASRLPEAGEDLELK(MSE)GE
NWRRTGTVLAAVKLEDGQVVVQVV(MSE)NND(MSE)EPDSIFRVRDDANTLHIEPLPYSLEE
;
_entity_poly.pdbx_strand_id   A
#
loop_
_chem_comp.id
_chem_comp.type
_chem_comp.name
_chem_comp.formula
ACT non-polymer 'ACETATE ION' 'C2 H3 O2 -1'
CA non-polymer 'CALCIUM ION' 'Ca 2'
CL non-polymer 'CHLORIDE ION' 'Cl -1'
EDO non-polymer 1,2-ETHANEDIOL 'C2 H6 O2'
#
# COMPACT_ATOMS: atom_id res chain seq x y z
N PHE A 15 7.38 3.50 -22.53
CA PHE A 15 7.33 4.82 -21.83
C PHE A 15 8.57 5.02 -20.89
N THR A 16 8.96 4.01 -20.11
CA THR A 16 10.25 3.97 -19.36
C THR A 16 10.25 4.53 -17.92
N PRO A 17 10.74 3.75 -16.94
CA PRO A 17 10.79 4.20 -15.55
C PRO A 17 11.62 5.46 -15.35
N PHE A 18 11.23 6.30 -14.40
CA PHE A 18 12.04 7.47 -14.07
C PHE A 18 13.22 7.05 -13.20
N PRO A 19 14.34 7.74 -13.36
CA PRO A 19 15.46 7.41 -12.52
C PRO A 19 15.26 7.87 -11.07
N PRO A 20 15.88 7.17 -10.12
CA PRO A 20 15.66 7.54 -8.73
C PRO A 20 16.39 8.81 -8.36
N ARG A 21 15.77 9.56 -7.44
CA ARG A 21 16.43 10.59 -6.67
C ARG A 21 16.02 10.37 -5.19
N GLN A 22 16.77 10.89 -4.23
CA GLN A 22 16.48 10.60 -2.82
C GLN A 22 15.10 11.20 -2.48
N PRO A 23 14.22 10.40 -1.88
CA PRO A 23 12.90 10.89 -1.54
C PRO A 23 12.88 11.86 -0.34
N THR A 24 11.77 12.58 -0.22
CA THR A 24 11.56 13.59 0.80
C THR A 24 10.27 13.29 1.58
N ALA A 25 10.23 13.66 2.85
CA ALA A 25 9.02 13.64 3.66
C ALA A 25 7.92 14.44 3.01
N SER A 26 6.67 14.03 3.20
CA SER A 26 5.55 14.70 2.51
C SER A 26 5.52 16.21 2.80
N ALA A 27 5.91 16.62 4.00
CA ALA A 27 5.77 18.00 4.39
C ALA A 27 6.62 18.93 3.54
N ARG A 28 7.75 18.43 3.06
CA ARG A 28 8.70 19.21 2.31
C ARG A 28 8.80 18.77 0.86
N LEU A 29 7.93 17.86 0.45
CA LEU A 29 7.98 17.29 -0.88
C LEU A 29 7.54 18.31 -1.93
N PRO A 30 8.45 18.66 -2.87
CA PRO A 30 8.00 19.49 -3.99
C PRO A 30 7.01 18.72 -4.89
N LEU A 31 6.34 19.44 -5.78
CA LEU A 31 5.55 18.75 -6.80
C LEU A 31 6.36 17.69 -7.44
N THR A 32 5.83 16.47 -7.50
CA THR A 32 6.58 15.31 -7.92
C THR A 32 5.68 14.38 -8.75
N LEU A 33 6.21 13.89 -9.85
CA LEU A 33 5.60 12.87 -10.68
C LEU A 33 6.50 11.63 -10.60
N MSE A 34 5.88 10.47 -10.37
CA MSE A 34 6.57 9.24 -10.14
C MSE A 34 6.06 8.13 -11.03
O MSE A 34 4.85 8.01 -11.23
CB MSE A 34 6.35 8.76 -8.67
CG MSE A 34 6.98 9.60 -7.57
SE MSE A 34 5.88 9.53 -5.97
CE MSE A 34 4.63 10.88 -6.52
N THR A 35 6.98 7.28 -11.47
CA THR A 35 6.62 5.99 -12.01
C THR A 35 6.60 4.95 -10.88
N LEU A 36 5.54 4.15 -10.81
CA LEU A 36 5.34 3.19 -9.71
C LEU A 36 5.67 1.77 -10.17
N ASP A 37 6.88 1.61 -10.70
CA ASP A 37 7.30 0.36 -11.31
C ASP A 37 7.33 -0.84 -10.36
N ASP A 38 7.51 -0.56 -9.07
CA ASP A 38 7.55 -1.61 -8.08
C ASP A 38 6.17 -2.05 -7.61
N TRP A 39 5.14 -1.38 -8.12
CA TRP A 39 3.75 -1.88 -7.97
C TRP A 39 3.28 -2.40 -9.32
N ALA A 40 2.18 -3.14 -9.29
CA ALA A 40 1.70 -3.81 -10.47
C ALA A 40 0.19 -3.97 -10.40
N LEU A 41 -0.41 -4.04 -11.59
CA LEU A 41 -1.85 -4.10 -11.75
C LEU A 41 -2.33 -5.48 -12.19
N ALA A 42 -3.52 -5.82 -11.73
CA ALA A 42 -4.22 -7.03 -12.17
C ALA A 42 -5.70 -6.73 -12.28
N THR A 43 -6.37 -7.56 -13.07
CA THR A 43 -7.80 -7.41 -13.27
C THR A 43 -8.58 -8.70 -13.15
N ILE A 44 -9.87 -8.54 -12.89
CA ILE A 44 -10.86 -9.61 -13.02
C ILE A 44 -12.03 -9.02 -13.81
N THR A 45 -12.47 -9.77 -14.82
CA THR A 45 -13.66 -9.44 -15.59
C THR A 45 -14.57 -10.64 -15.66
N GLY A 46 -15.82 -10.39 -16.00
CA GLY A 46 -16.79 -11.48 -16.18
C GLY A 46 -18.00 -11.33 -15.28
N ALA A 47 -19.05 -12.07 -15.59
CA ALA A 47 -20.30 -11.98 -14.85
C ALA A 47 -20.19 -12.28 -13.37
N ASP A 48 -19.29 -13.18 -12.99
CA ASP A 48 -19.15 -13.59 -11.60
C ASP A 48 -18.07 -12.76 -10.88
N SER A 49 -17.61 -11.64 -11.45
CA SER A 49 -16.50 -10.90 -10.82
C SER A 49 -16.75 -10.53 -9.37
N GLU A 50 -17.89 -9.93 -9.07
CA GLU A 50 -18.18 -9.47 -7.72
C GLU A 50 -18.32 -10.65 -6.76
N LYS A 51 -19.13 -11.64 -7.13
CA LYS A 51 -19.28 -12.84 -6.32
C LYS A 51 -17.95 -13.53 -6.03
N TYR A 52 -17.11 -13.62 -7.05
CA TYR A 52 -15.85 -14.32 -6.91
C TYR A 52 -14.93 -13.57 -5.95
N MSE A 53 -14.75 -12.27 -6.18
CA MSE A 53 -13.91 -11.49 -5.28
C MSE A 53 -14.46 -11.44 -3.87
O MSE A 53 -13.68 -11.45 -2.92
CB MSE A 53 -13.68 -10.09 -5.81
CG MSE A 53 -12.91 -10.00 -7.13
SE MSE A 53 -11.19 -10.79 -7.11
CE MSE A 53 -10.28 -9.47 -6.13
N GLN A 54 -15.76 -11.36 -3.73
CA GLN A 54 -16.39 -11.36 -2.41
C GLN A 54 -15.97 -12.57 -1.57
N GLY A 55 -15.78 -13.70 -2.23
CA GLY A 55 -15.35 -14.92 -1.56
C GLY A 55 -13.88 -15.04 -1.26
N GLN A 56 -13.06 -14.09 -1.72
CA GLN A 56 -11.61 -14.21 -1.57
C GLN A 56 -10.90 -13.08 -0.85
N VAL A 57 -11.57 -11.96 -0.62
CA VAL A 57 -10.94 -10.81 0.05
C VAL A 57 -11.72 -10.37 1.27
N THR A 58 -11.08 -9.58 2.12
CA THR A 58 -11.65 -9.15 3.39
C THR A 58 -12.63 -8.01 3.29
N ALA A 59 -12.61 -7.28 2.18
CA ALA A 59 -13.51 -6.15 1.99
C ALA A 59 -14.86 -6.60 1.42
N ASP A 60 -15.90 -5.84 1.73
CA ASP A 60 -17.20 -6.11 1.16
C ASP A 60 -17.32 -5.43 -0.21
N VAL A 61 -17.00 -6.19 -1.25
CA VAL A 61 -17.00 -5.63 -2.60
C VAL A 61 -18.40 -5.46 -3.15
N SER A 62 -19.41 -6.01 -2.49
CA SER A 62 -20.82 -5.73 -2.86
C SER A 62 -21.26 -4.34 -2.43
N GLN A 63 -20.48 -3.73 -1.56
CA GLN A 63 -20.73 -2.38 -1.04
C GLN A 63 -19.55 -1.48 -1.35
N MSE A 64 -19.02 -1.66 -2.54
CA MSE A 64 -18.05 -0.75 -3.11
C MSE A 64 -18.67 -0.06 -4.32
O MSE A 64 -19.08 -0.72 -5.27
CB MSE A 64 -16.81 -1.53 -3.52
CG MSE A 64 -15.88 -0.78 -4.40
SE MSE A 64 -14.10 -1.51 -5.00
SE MSE A 64 -14.65 -2.17 -4.56
CE MSE A 64 -13.50 -1.20 -3.59
CE MSE A 64 -14.18 -2.50 -2.99
N ALA A 65 -18.74 1.26 -4.29
CA ALA A 65 -19.29 2.01 -5.40
C ALA A 65 -18.26 2.18 -6.52
N GLU A 66 -18.73 2.60 -7.68
CA GLU A 66 -17.86 2.83 -8.82
C GLU A 66 -16.83 3.93 -8.56
N ASP A 67 -17.11 4.83 -7.61
CA ASP A 67 -16.21 5.93 -7.29
C ASP A 67 -15.38 5.72 -6.02
N GLN A 68 -15.24 4.46 -5.59
CA GLN A 68 -14.46 4.11 -4.39
C GLN A 68 -13.28 3.19 -4.66
N HIS A 69 -12.24 3.34 -3.86
CA HIS A 69 -11.14 2.38 -3.82
C HIS A 69 -10.76 2.08 -2.38
N LEU A 70 -10.24 0.88 -2.12
CA LEU A 70 -9.88 0.52 -0.74
C LEU A 70 -8.76 -0.50 -0.72
N LEU A 71 -8.07 -0.60 0.41
CA LEU A 71 -6.96 -1.53 0.60
C LEU A 71 -7.48 -2.77 1.38
N ALA A 72 -7.69 -3.86 0.66
CA ALA A 72 -8.24 -5.12 1.18
C ALA A 72 -7.11 -6.10 1.36
N ALA A 73 -7.40 -7.22 2.02
CA ALA A 73 -6.48 -8.34 2.11
C ALA A 73 -7.02 -9.53 1.37
N HIS A 74 -6.09 -10.27 0.77
CA HIS A 74 -6.36 -11.59 0.18
C HIS A 74 -5.58 -12.61 1.03
N CYS A 75 -6.32 -13.43 1.77
CA CYS A 75 -5.75 -14.37 2.73
C CYS A 75 -5.89 -15.82 2.29
N ASP A 76 -5.05 -16.65 2.89
CA ASP A 76 -5.24 -18.09 2.81
C ASP A 76 -6.26 -18.54 3.85
N ALA A 77 -6.51 -19.85 3.91
CA ALA A 77 -7.51 -20.39 4.82
C ALA A 77 -7.19 -20.21 6.32
N LYS A 78 -5.92 -19.96 6.63
CA LYS A 78 -5.49 -19.65 8.01
C LYS A 78 -5.46 -18.15 8.32
N GLY A 79 -5.97 -17.32 7.40
CA GLY A 79 -6.00 -15.88 7.63
C GLY A 79 -4.72 -15.14 7.30
N LYS A 80 -3.71 -15.83 6.81
CA LYS A 80 -2.46 -15.16 6.47
C LYS A 80 -2.53 -14.51 5.11
N MSE A 81 -2.09 -13.25 5.01
CA MSE A 81 -2.25 -12.50 3.77
C MSE A 81 -1.23 -12.88 2.73
O MSE A 81 -0.03 -12.76 2.94
CB MSE A 81 -2.12 -10.97 3.98
CG MSE A 81 -3.12 -10.33 4.82
SE MSE A 81 -2.93 -8.39 4.77
CE MSE A 81 -1.26 -8.38 5.71
N TRP A 82 -1.72 -13.30 1.56
CA TRP A 82 -0.85 -13.37 0.40
C TRP A 82 -0.31 -12.00 0.07
N SER A 83 -1.23 -11.03 0.11
CA SER A 83 -0.93 -9.64 -0.08
C SER A 83 -2.12 -8.83 0.33
N ASN A 84 -1.90 -7.54 0.59
CA ASN A 84 -2.99 -6.58 0.55
C ASN A 84 -3.08 -6.07 -0.89
N LEU A 85 -4.18 -5.43 -1.20
CA LEU A 85 -4.39 -4.98 -2.57
C LEU A 85 -5.31 -3.81 -2.58
N ARG A 86 -5.03 -2.86 -3.47
CA ARG A 86 -5.85 -1.67 -3.57
C ARG A 86 -6.80 -1.85 -4.73
N LEU A 87 -8.07 -2.04 -4.38
CA LEU A 87 -9.12 -2.48 -5.28
C LEU A 87 -9.98 -1.31 -5.75
N PHE A 88 -10.39 -1.35 -7.01
CA PHE A 88 -11.36 -0.43 -7.56
C PHE A 88 -12.10 -1.10 -8.70
N ARG A 89 -13.29 -0.61 -8.99
CA ARG A 89 -14.06 -1.16 -10.08
C ARG A 89 -13.46 -0.78 -11.42
N ASP A 90 -13.47 -1.73 -12.36
CA ASP A 90 -12.80 -1.56 -13.63
C ASP A 90 -13.57 -2.45 -14.61
N GLY A 91 -14.15 -1.86 -15.65
CA GLY A 91 -15.01 -2.61 -16.57
C GLY A 91 -16.15 -3.24 -15.79
N ASP A 92 -16.49 -4.49 -16.09
CA ASP A 92 -17.57 -5.19 -15.38
C ASP A 92 -17.05 -5.88 -14.14
N GLY A 93 -15.81 -5.61 -13.78
CA GLY A 93 -15.21 -6.26 -12.62
C GLY A 93 -14.38 -5.30 -11.81
N PHE A 94 -13.15 -5.70 -11.51
CA PHE A 94 -12.29 -4.97 -10.60
C PHE A 94 -10.87 -4.99 -11.13
N ALA A 95 -10.12 -3.97 -10.75
CA ALA A 95 -8.69 -3.99 -10.87
C ALA A 95 -8.09 -3.78 -9.49
N TRP A 96 -6.85 -4.21 -9.33
CA TRP A 96 -6.16 -3.95 -8.10
C TRP A 96 -4.69 -3.74 -8.31
N ILE A 97 -4.11 -3.02 -7.36
CA ILE A 97 -2.69 -2.70 -7.36
C ILE A 97 -2.07 -3.28 -6.10
N GLU A 98 -0.96 -3.97 -6.28
CA GLU A 98 -0.18 -4.53 -5.20
C GLU A 98 1.30 -4.53 -5.59
N ARG A 99 2.18 -4.96 -4.71
CA ARG A 99 3.59 -4.92 -5.07
C ARG A 99 3.89 -5.92 -6.20
N ARG A 100 4.75 -5.49 -7.12
CA ARG A 100 5.11 -6.35 -8.24
C ARG A 100 5.76 -7.63 -7.76
N SER A 101 6.47 -7.57 -6.65
CA SER A 101 7.19 -8.74 -6.13
C SER A 101 6.27 -9.86 -5.69
N VAL A 102 4.98 -9.57 -5.50
CA VAL A 102 4.04 -10.59 -5.06
C VAL A 102 2.88 -10.85 -6.05
N ARG A 103 2.83 -10.12 -7.15
CA ARG A 103 1.66 -10.25 -8.03
C ARG A 103 1.53 -11.67 -8.58
N GLU A 104 2.63 -12.27 -9.01
CA GLU A 104 2.54 -13.58 -9.65
C GLU A 104 1.98 -14.65 -8.68
N PRO A 105 2.57 -14.81 -7.49
CA PRO A 105 1.99 -15.79 -6.56
C PRO A 105 0.59 -15.41 -6.07
N GLN A 106 0.32 -14.13 -5.88
CA GLN A 106 -1.00 -13.71 -5.47
C GLN A 106 -2.06 -14.15 -6.49
N LEU A 107 -1.77 -13.92 -7.76
CA LEU A 107 -2.71 -14.29 -8.82
C LEU A 107 -2.86 -15.80 -8.91
N THR A 108 -1.77 -16.54 -8.77
CA THR A 108 -1.89 -18.00 -8.76
C THR A 108 -2.84 -18.46 -7.65
N GLU A 109 -2.69 -17.88 -6.47
CA GLU A 109 -3.50 -18.29 -5.34
C GLU A 109 -4.94 -17.82 -5.51
N LEU A 110 -5.14 -16.63 -6.10
CA LEU A 110 -6.50 -16.15 -6.34
C LEU A 110 -7.23 -17.03 -7.34
N LYS A 111 -6.52 -17.52 -8.34
CA LYS A 111 -7.10 -18.26 -9.47
C LYS A 111 -7.40 -19.71 -9.13
N LYS A 112 -6.94 -20.19 -7.97
CA LYS A 112 -7.11 -21.60 -7.59
C LYS A 112 -8.56 -22.03 -7.57
N TYR A 113 -9.47 -21.09 -7.32
CA TYR A 113 -10.88 -21.38 -7.10
C TYR A 113 -11.76 -21.09 -8.29
N ALA A 114 -11.15 -20.81 -9.43
CA ALA A 114 -11.88 -20.25 -10.56
C ALA A 114 -12.07 -21.22 -11.75
N VAL A 115 -11.90 -22.52 -11.54
CA VAL A 115 -11.96 -23.48 -12.67
C VAL A 115 -13.23 -23.31 -13.51
N PHE A 116 -14.38 -23.12 -12.85
CA PHE A 116 -15.67 -23.03 -13.56
C PHE A 116 -16.40 -21.71 -13.39
N SER A 117 -15.85 -20.77 -12.60
CA SER A 117 -16.45 -19.49 -12.36
C SER A 117 -16.43 -18.58 -13.60
N LYS A 118 -17.42 -17.71 -13.72
CA LYS A 118 -17.55 -16.82 -14.86
C LYS A 118 -16.68 -15.57 -14.66
N VAL A 119 -15.37 -15.81 -14.61
CA VAL A 119 -14.37 -14.76 -14.45
C VAL A 119 -13.14 -15.07 -15.25
N THR A 120 -12.41 -14.02 -15.60
CA THR A 120 -11.10 -14.06 -16.16
C THR A 120 -10.20 -13.16 -15.32
N ILE A 121 -9.14 -13.75 -14.79
CA ILE A 121 -8.20 -13.07 -13.88
C ILE A 121 -6.86 -13.02 -14.57
N ALA A 122 -6.28 -11.84 -14.69
CA ALA A 122 -5.01 -11.70 -15.40
C ALA A 122 -4.19 -10.51 -14.90
N PRO A 123 -2.86 -10.60 -15.07
CA PRO A 123 -2.05 -9.39 -14.87
C PRO A 123 -2.33 -8.36 -15.97
N ASP A 124 -2.09 -7.10 -15.69
CA ASP A 124 -2.20 -6.04 -16.68
C ASP A 124 -0.87 -5.30 -16.67
N ASP A 125 -0.05 -5.53 -17.67
CA ASP A 125 1.20 -4.77 -17.84
C ASP A 125 1.16 -3.83 -19.04
N GLU A 126 -0.03 -3.58 -19.56
CA GLU A 126 -0.24 -2.61 -20.62
C GLU A 126 -0.43 -1.20 -20.06
N ARG A 127 -1.26 -1.08 -19.03
CA ARG A 127 -1.48 0.21 -18.41
C ARG A 127 -0.26 0.56 -17.57
N VAL A 128 -0.12 1.85 -17.31
CA VAL A 128 1.00 2.43 -16.61
C VAL A 128 0.49 2.97 -15.27
N LEU A 129 1.27 2.81 -14.21
CA LEU A 129 0.96 3.35 -12.88
C LEU A 129 1.87 4.53 -12.58
N LEU A 130 1.27 5.69 -12.33
CA LEU A 130 1.99 6.89 -11.97
C LEU A 130 1.47 7.45 -10.66
N GLY A 131 2.31 8.23 -10.01
CA GLY A 131 1.92 8.96 -8.81
C GLY A 131 2.17 10.43 -8.99
N VAL A 132 1.31 11.25 -8.39
CA VAL A 132 1.52 12.69 -8.34
C VAL A 132 1.33 13.13 -6.91
N ALA A 133 2.32 13.82 -6.36
CA ALA A 133 2.30 14.21 -4.97
C ALA A 133 3.05 15.50 -4.77
N GLY A 134 3.04 15.97 -3.53
CA GLY A 134 3.78 17.16 -3.14
C GLY A 134 3.05 18.46 -3.34
N PHE A 135 3.81 19.55 -3.20
CA PHE A 135 3.28 20.89 -3.18
C PHE A 135 2.47 21.21 -4.43
N GLN A 136 1.22 21.59 -4.20
CA GLN A 136 0.30 22.01 -5.27
C GLN A 136 0.05 20.93 -6.34
N ALA A 137 0.09 19.66 -5.92
CA ALA A 137 -0.20 18.56 -6.84
C ALA A 137 -1.57 18.75 -7.51
N ARG A 138 -2.57 19.09 -6.71
CA ARG A 138 -3.90 19.27 -7.24
C ARG A 138 -3.98 20.35 -8.31
N ALA A 139 -3.44 21.54 -8.00
CA ALA A 139 -3.46 22.63 -8.99
C ALA A 139 -2.70 22.25 -10.26
N ALA A 140 -1.58 21.55 -10.10
CA ALA A 140 -0.81 21.10 -11.27
C ALA A 140 -1.62 20.15 -12.14
N LEU A 141 -2.35 19.23 -11.52
CA LEU A 141 -3.12 18.24 -12.26
C LEU A 141 -4.42 18.77 -12.81
N ALA A 142 -4.97 19.78 -12.15
CA ALA A 142 -6.25 20.34 -12.56
C ALA A 142 -6.16 20.93 -13.97
N ASN A 143 -4.94 21.29 -14.39
CA ASN A 143 -4.66 21.73 -15.76
C ASN A 143 -4.64 20.60 -16.79
N LEU A 144 -4.51 19.34 -16.34
CA LEU A 144 -4.29 18.22 -17.26
C LEU A 144 -5.45 17.22 -17.38
N PHE A 145 -6.43 17.29 -16.48
CA PHE A 145 -7.65 16.48 -16.52
C PHE A 145 -8.86 17.35 -16.25
N SER A 146 -10.01 16.97 -16.81
CA SER A 146 -11.20 17.81 -16.64
C SER A 146 -11.71 17.77 -15.20
N GLU A 147 -11.68 16.58 -14.59
CA GLU A 147 -12.16 16.38 -13.23
C GLU A 147 -11.12 15.58 -12.47
N LEU A 148 -10.87 15.99 -11.23
CA LEU A 148 -9.99 15.26 -10.33
C LEU A 148 -10.80 14.62 -9.21
N PRO A 149 -10.33 13.49 -8.67
CA PRO A 149 -10.98 12.90 -7.53
C PRO A 149 -10.69 13.72 -6.27
N SER A 150 -11.41 13.41 -5.21
CA SER A 150 -11.39 14.19 -3.97
C SER A 150 -11.95 13.30 -2.87
N LYS A 151 -12.00 13.82 -1.65
N LYS A 151 -12.00 13.83 -1.66
CA LYS A 151 -12.56 13.02 -0.54
CA LYS A 151 -12.57 13.08 -0.54
C LYS A 151 -13.99 12.60 -0.83
C LYS A 151 -13.98 12.59 -0.86
N GLU A 152 -14.74 13.43 -1.57
CA GLU A 152 -16.15 13.17 -1.88
C GLU A 152 -16.38 12.25 -3.07
N LYS A 153 -15.34 12.08 -3.89
CA LYS A 153 -15.42 11.24 -5.07
C LYS A 153 -14.01 10.71 -5.33
N GLN A 154 -13.70 9.56 -4.75
CA GLN A 154 -12.31 9.13 -4.58
C GLN A 154 -11.69 8.43 -5.78
N VAL A 155 -12.53 8.07 -6.75
CA VAL A 155 -12.09 7.54 -8.04
C VAL A 155 -12.83 8.30 -9.12
N VAL A 156 -12.06 8.81 -10.08
CA VAL A 156 -12.60 9.46 -11.27
C VAL A 156 -11.98 8.81 -12.50
N LYS A 157 -12.78 8.66 -13.55
CA LYS A 157 -12.33 8.06 -14.79
C LYS A 157 -12.52 9.05 -15.93
N GLU A 158 -11.52 9.13 -16.81
CA GLU A 158 -11.61 9.96 -18.00
C GLU A 158 -10.88 9.19 -19.09
N GLY A 159 -11.62 8.73 -20.10
CA GLY A 159 -11.02 7.90 -21.14
C GLY A 159 -10.26 6.71 -20.61
N ALA A 160 -8.99 6.62 -20.99
CA ALA A 160 -8.12 5.52 -20.60
C ALA A 160 -7.58 5.63 -19.16
N THR A 161 -7.90 6.73 -18.49
CA THR A 161 -7.32 7.04 -17.19
C THR A 161 -8.28 6.80 -16.04
N THR A 162 -7.76 6.22 -14.98
CA THR A 162 -8.45 6.14 -13.71
C THR A 162 -7.58 6.89 -12.70
N LEU A 163 -8.18 7.83 -11.97
CA LEU A 163 -7.49 8.62 -10.96
C LEU A 163 -8.00 8.24 -9.58
N LEU A 164 -7.08 7.91 -8.66
CA LEU A 164 -7.39 7.56 -7.29
C LEU A 164 -6.88 8.65 -6.34
N TRP A 165 -7.75 9.13 -5.48
CA TRP A 165 -7.40 10.16 -4.48
C TRP A 165 -6.97 9.54 -3.18
N PHE A 166 -5.91 10.10 -2.60
CA PHE A 166 -5.41 9.76 -1.29
C PHE A 166 -5.30 11.03 -0.45
N GLU A 167 -5.74 10.92 0.79
CA GLU A 167 -5.62 11.98 1.76
C GLU A 167 -4.26 12.02 2.43
N HIS A 168 -3.65 10.84 2.62
CA HIS A 168 -2.56 10.64 3.56
C HIS A 168 -1.26 10.23 2.86
N PRO A 169 -0.11 10.65 3.37
CA PRO A 169 0.06 11.53 4.53
C PRO A 169 -0.28 12.99 4.23
N ALA A 170 -0.30 13.32 2.95
CA ALA A 170 -0.82 14.56 2.42
C ALA A 170 -1.47 14.21 1.08
N GLU A 171 -2.22 15.13 0.51
CA GLU A 171 -2.96 14.82 -0.71
C GLU A 171 -2.03 14.32 -1.79
N ARG A 172 -2.44 13.25 -2.46
CA ARG A 172 -1.73 12.72 -3.60
C ARG A 172 -2.68 11.91 -4.45
N PHE A 173 -2.22 11.59 -5.68
CA PHE A 173 -3.05 10.96 -6.70
C PHE A 173 -2.31 9.80 -7.30
N LEU A 174 -3.00 8.68 -7.46
CA LEU A 174 -2.47 7.55 -8.21
C LEU A 174 -3.21 7.51 -9.54
N ILE A 175 -2.44 7.50 -10.62
CA ILE A 175 -2.96 7.50 -11.98
C ILE A 175 -2.72 6.13 -12.64
N VAL A 176 -3.79 5.53 -13.16
CA VAL A 176 -3.74 4.29 -13.91
C VAL A 176 -4.13 4.65 -15.33
N THR A 177 -3.20 4.54 -16.27
CA THR A 177 -3.45 5.11 -17.57
C THR A 177 -2.71 4.38 -18.67
N ASP A 178 -2.84 4.89 -19.89
CA ASP A 178 -2.14 4.27 -21.03
C ASP A 178 -0.82 4.99 -21.29
N GLU A 179 0.02 4.38 -22.12
CA GLU A 179 1.33 4.97 -22.40
C GLU A 179 1.22 6.37 -22.98
N ALA A 180 0.28 6.58 -23.89
CA ALA A 180 0.13 7.90 -24.49
C ALA A 180 -0.14 8.98 -23.45
N THR A 181 -1.03 8.68 -22.51
CA THR A 181 -1.34 9.69 -21.50
C THR A 181 -0.16 9.87 -20.53
N ALA A 182 0.56 8.79 -20.23
CA ALA A 182 1.72 8.88 -19.35
C ALA A 182 2.77 9.79 -19.99
N ASN A 183 2.97 9.63 -21.29
CA ASN A 183 3.90 10.48 -22.01
C ASN A 183 3.45 11.94 -22.01
N MSE A 184 2.15 12.17 -22.19
CA MSE A 184 1.58 13.53 -22.16
C MSE A 184 1.84 14.19 -20.83
O MSE A 184 2.26 15.35 -20.76
CB MSE A 184 0.06 13.53 -22.40
CG MSE A 184 -0.64 14.91 -22.27
SE MSE A 184 -1.22 15.48 -20.46
CE MSE A 184 -2.59 14.28 -20.25
N LEU A 185 1.57 13.45 -19.76
CA LEU A 185 1.71 13.99 -18.42
C LEU A 185 3.15 14.34 -18.14
N THR A 186 4.05 13.45 -18.53
CA THR A 186 5.48 13.65 -18.32
C THR A 186 5.96 14.88 -19.11
N ASP A 187 5.54 14.96 -20.36
CA ASP A 187 5.93 16.12 -21.18
C ASP A 187 5.39 17.43 -20.63
N LYS A 188 4.16 17.41 -20.12
CA LYS A 188 3.54 18.62 -19.61
C LYS A 188 4.12 19.09 -18.29
N LEU A 189 4.61 18.15 -17.49
CA LEU A 189 5.12 18.47 -16.16
C LEU A 189 6.65 18.55 -16.09
N ARG A 190 7.37 18.19 -17.15
CA ARG A 190 8.83 18.19 -17.12
C ARG A 190 9.35 19.59 -16.79
N GLY A 191 10.29 19.66 -15.85
CA GLY A 191 10.85 20.93 -15.44
C GLY A 191 9.98 21.73 -14.50
N GLU A 192 8.83 21.17 -14.11
CA GLU A 192 7.95 21.77 -13.09
C GLU A 192 7.80 20.79 -11.94
N ALA A 193 7.39 19.57 -12.23
CA ALA A 193 7.39 18.50 -11.25
C ALA A 193 8.77 17.87 -11.25
N GLU A 194 9.30 17.58 -10.07
CA GLU A 194 10.45 16.71 -9.98
C GLU A 194 10.01 15.30 -10.34
N LEU A 195 10.93 14.53 -10.89
CA LEU A 195 10.65 13.18 -11.30
C LEU A 195 11.30 12.22 -10.32
N ASN A 196 10.56 11.20 -9.91
CA ASN A 196 11.14 10.18 -9.06
C ASN A 196 10.48 8.82 -9.36
N ASN A 197 10.95 7.78 -8.69
CA ASN A 197 10.42 6.46 -8.90
C ASN A 197 9.64 5.95 -7.68
N SER A 198 9.47 4.64 -7.59
CA SER A 198 8.60 4.03 -6.59
C SER A 198 9.03 4.34 -5.17
N GLN A 199 10.32 4.58 -4.94
CA GLN A 199 10.77 4.84 -3.57
C GLN A 199 10.10 6.04 -2.92
N GLN A 200 9.74 7.04 -3.70
CA GLN A 200 9.03 8.18 -3.12
C GLN A 200 7.62 7.81 -2.68
N TRP A 201 6.92 7.02 -3.48
CA TRP A 201 5.58 6.59 -3.09
C TRP A 201 5.67 5.67 -1.88
N LEU A 202 6.70 4.83 -1.87
CA LEU A 202 6.96 3.98 -0.73
C LEU A 202 7.17 4.78 0.54
N ALA A 203 8.01 5.81 0.45
CA ALA A 203 8.21 6.66 1.63
C ALA A 203 6.91 7.25 2.16
N LEU A 204 6.03 7.65 1.24
CA LEU A 204 4.74 8.22 1.62
C LEU A 204 3.85 7.17 2.30
N ASN A 205 3.86 5.94 1.79
CA ASN A 205 3.08 4.90 2.44
C ASN A 205 3.63 4.57 3.83
N ILE A 206 4.95 4.56 3.98
CA ILE A 206 5.57 4.37 5.29
C ILE A 206 5.11 5.48 6.25
N GLU A 207 5.22 6.72 5.79
CA GLU A 207 4.81 7.87 6.60
C GLU A 207 3.31 7.82 7.00
N ALA A 208 2.48 7.34 6.09
CA ALA A 208 1.03 7.25 6.33
C ALA A 208 0.64 6.02 7.16
N GLY A 209 1.54 5.07 7.36
CA GLY A 209 1.18 3.81 8.03
C GLY A 209 0.34 2.88 7.19
N PHE A 210 0.52 2.91 5.88
CA PHE A 210 -0.22 2.04 4.98
C PHE A 210 0.66 0.84 4.62
N PRO A 211 0.25 -0.39 5.01
CA PRO A 211 1.17 -1.53 4.91
C PRO A 211 1.55 -1.89 3.49
N VAL A 212 2.82 -2.21 3.34
CA VAL A 212 3.40 -2.68 2.09
C VAL A 212 3.88 -4.13 2.27
N ILE A 213 3.44 -5.02 1.38
CA ILE A 213 3.76 -6.45 1.46
C ILE A 213 4.61 -6.83 0.24
N ASP A 214 5.91 -6.96 0.47
CA ASP A 214 6.82 -7.54 -0.53
C ASP A 214 6.95 -9.04 -0.31
N ALA A 215 7.63 -9.74 -1.23
CA ALA A 215 7.64 -11.19 -1.25
C ALA A 215 8.00 -11.84 0.08
N ALA A 216 9.00 -11.32 0.76
CA ALA A 216 9.48 -11.94 1.99
C ALA A 216 8.39 -12.00 3.06
N ASN A 217 7.42 -11.08 2.98
CA ASN A 217 6.35 -11.01 3.95
C ASN A 217 5.02 -11.59 3.46
N SER A 218 4.97 -12.16 2.26
CA SER A 218 3.76 -12.83 1.79
C SER A 218 3.54 -14.09 2.64
N GLY A 219 2.31 -14.32 3.04
CA GLY A 219 1.99 -15.45 3.89
C GLY A 219 2.33 -15.34 5.37
N GLN A 220 2.76 -14.18 5.83
CA GLN A 220 3.32 -14.06 7.16
C GLN A 220 2.39 -13.45 8.19
N PHE A 221 1.45 -12.60 7.75
CA PHE A 221 0.67 -11.79 8.67
C PHE A 221 -0.81 -11.91 8.51
N ILE A 222 -1.51 -11.98 9.64
CA ILE A 222 -2.94 -11.77 9.63
C ILE A 222 -3.20 -10.29 9.37
N PRO A 223 -4.35 -9.96 8.76
CA PRO A 223 -4.51 -8.55 8.36
C PRO A 223 -4.35 -7.52 9.47
N GLN A 224 -4.86 -7.82 10.66
CA GLN A 224 -4.78 -6.87 11.77
C GLN A 224 -3.37 -6.66 12.30
N ALA A 225 -2.44 -7.53 11.97
CA ALA A 225 -1.03 -7.31 12.34
C ALA A 225 -0.49 -6.10 11.59
N THR A 226 -1.15 -5.74 10.49
CA THR A 226 -0.74 -4.61 9.68
C THR A 226 -1.72 -3.44 9.75
N ASN A 227 -2.62 -3.48 10.74
CA ASN A 227 -3.58 -2.42 11.03
C ASN A 227 -4.69 -2.28 9.99
N LEU A 228 -4.90 -3.31 9.15
CA LEU A 228 -5.89 -3.15 8.07
C LEU A 228 -7.30 -2.89 8.56
N GLN A 229 -7.64 -3.38 9.76
CA GLN A 229 -8.96 -3.10 10.35
C GLN A 229 -9.19 -1.63 10.60
N ALA A 230 -8.12 -0.85 10.78
CA ALA A 230 -8.21 0.57 11.07
C ALA A 230 -8.19 1.42 9.82
N LEU A 231 -7.98 0.78 8.68
CA LEU A 231 -7.85 1.43 7.38
C LEU A 231 -9.02 1.13 6.45
N GLY A 232 -10.08 0.52 6.98
CA GLY A 232 -11.29 0.27 6.21
C GLY A 232 -11.22 -0.95 5.32
N GLY A 233 -10.24 -1.83 5.57
CA GLY A 233 -9.98 -2.95 4.68
C GLY A 233 -10.67 -4.26 5.00
N ILE A 234 -11.38 -4.32 6.12
CA ILE A 234 -12.01 -5.55 6.56
C ILE A 234 -13.45 -5.29 6.96
N SER A 235 -14.35 -6.07 6.38
CA SER A 235 -15.72 -6.10 6.89
C SER A 235 -15.92 -7.33 7.76
N PHE A 236 -16.39 -7.11 8.98
CA PHE A 236 -16.71 -8.16 9.94
C PHE A 236 -18.17 -8.62 9.85
N LYS A 237 -18.95 -8.02 8.97
CA LYS A 237 -20.35 -8.37 8.78
C LYS A 237 -20.64 -9.02 7.43
N LYS A 238 -19.70 -8.97 6.48
CA LYS A 238 -19.92 -9.58 5.17
C LYS A 238 -19.94 -11.11 5.28
N GLY A 239 -20.38 -11.75 4.20
CA GLY A 239 -20.42 -13.20 4.15
C GLY A 239 -19.05 -13.83 4.03
N CYS A 240 -19.07 -15.14 3.95
CA CYS A 240 -17.87 -15.94 4.05
C CYS A 240 -16.88 -15.67 2.93
N TYR A 241 -15.62 -15.69 3.33
CA TYR A 241 -14.51 -15.55 2.40
C TYR A 241 -13.33 -16.34 2.94
N THR A 242 -12.35 -16.60 2.10
CA THR A 242 -11.21 -17.40 2.51
C THR A 242 -10.44 -16.74 3.66
N GLY A 243 -10.32 -17.44 4.78
CA GLY A 243 -9.61 -16.95 5.95
C GLY A 243 -10.46 -16.19 6.95
N GLN A 244 -11.75 -16.04 6.66
CA GLN A 244 -12.63 -15.21 7.46
C GLN A 244 -12.67 -15.63 8.92
N GLU A 245 -12.72 -16.93 9.18
CA GLU A 245 -12.82 -17.37 10.58
C GLU A 245 -11.63 -16.86 11.41
N MSE A 246 -10.45 -16.93 10.81
CA MSE A 246 -9.23 -16.52 11.50
C MSE A 246 -9.11 -15.01 11.61
O MSE A 246 -8.64 -14.50 12.61
CB MSE A 246 -8.01 -17.13 10.83
CG MSE A 246 -7.94 -18.65 10.98
SE MSE A 246 -8.00 -19.34 12.82
CE MSE A 246 -6.22 -18.70 13.43
N VAL A 247 -9.57 -14.29 10.59
CA VAL A 247 -9.60 -12.84 10.65
C VAL A 247 -10.58 -12.39 11.74
N ALA A 248 -11.73 -13.06 11.84
CA ALA A 248 -12.69 -12.73 12.90
C ALA A 248 -12.14 -13.04 14.31
N ARG A 249 -11.42 -14.13 14.43
CA ARG A 249 -10.85 -14.52 15.72
C ARG A 249 -9.84 -13.48 16.19
N ALA A 250 -9.11 -12.87 15.25
CA ALA A 250 -8.10 -11.88 15.61
C ALA A 250 -8.68 -10.58 16.20
N LYS A 251 -9.99 -10.37 16.03
CA LYS A 251 -10.68 -9.20 16.59
C LYS A 251 -11.03 -9.43 18.07
N PHE A 252 -11.01 -10.68 18.56
CA PHE A 252 -11.36 -10.95 19.96
C PHE A 252 -10.42 -10.19 20.87
N ARG A 253 -10.92 -9.80 22.05
CA ARG A 253 -10.09 -9.19 23.07
C ARG A 253 -8.85 -10.05 23.33
N GLY A 254 -7.67 -9.54 22.94
CA GLY A 254 -6.39 -10.16 23.26
C GLY A 254 -5.84 -11.22 22.31
N ALA A 255 -6.52 -11.47 21.20
CA ALA A 255 -6.12 -12.53 20.26
C ALA A 255 -4.88 -12.14 19.44
N ASN A 256 -4.98 -11.01 18.75
CA ASN A 256 -3.86 -10.53 17.94
C ASN A 256 -2.99 -9.63 18.78
N LYS A 257 -1.70 -9.98 18.87
CA LYS A 257 -0.78 -9.22 19.69
C LYS A 257 0.14 -8.30 18.92
N ARG A 258 -0.01 -8.25 17.60
CA ARG A 258 0.85 -7.45 16.72
C ARG A 258 0.13 -6.27 16.09
N ALA A 259 0.91 -5.26 15.73
CA ALA A 259 0.41 -4.08 15.04
C ALA A 259 1.54 -3.53 14.17
N LEU A 260 1.18 -2.59 13.29
CA LEU A 260 2.14 -1.93 12.42
C LEU A 260 2.49 -0.57 13.01
N TRP A 261 3.77 -0.24 12.90
CA TRP A 261 4.35 0.95 13.46
C TRP A 261 5.18 1.72 12.44
N LEU A 262 5.43 2.97 12.78
CA LEU A 262 6.27 3.90 12.04
C LEU A 262 7.44 4.27 12.91
N LEU A 263 8.65 4.00 12.46
CA LEU A 263 9.87 4.41 13.16
C LEU A 263 10.69 5.35 12.29
N ALA A 264 11.43 6.22 12.93
CA ALA A 264 12.33 7.11 12.23
C ALA A 264 13.60 7.29 13.03
N GLY A 265 14.69 7.58 12.34
CA GLY A 265 15.96 7.85 13.00
C GLY A 265 17.08 7.78 12.00
N SER A 266 18.15 7.10 12.39
CA SER A 266 19.35 6.99 11.58
C SER A 266 19.78 5.54 11.51
N ALA A 267 20.45 5.16 10.42
CA ALA A 267 21.06 3.83 10.32
C ALA A 267 22.10 3.87 9.23
N SER A 268 23.06 2.95 9.31
CA SER A 268 24.10 2.83 8.29
C SER A 268 23.67 2.06 7.04
N ARG A 269 22.53 1.37 7.13
CA ARG A 269 21.95 0.65 6.01
C ARG A 269 20.46 0.49 6.25
N LEU A 270 19.72 0.31 5.17
CA LEU A 270 18.29 0.04 5.28
C LEU A 270 18.06 -1.43 5.57
N PRO A 271 17.18 -1.75 6.52
CA PRO A 271 16.79 -3.12 6.71
C PRO A 271 15.88 -3.56 5.57
N GLU A 272 16.02 -4.82 5.19
CA GLU A 272 15.24 -5.38 4.10
C GLU A 272 13.88 -5.84 4.59
N ALA A 273 12.90 -5.93 3.68
CA ALA A 273 11.63 -6.55 4.01
C ALA A 273 11.90 -7.94 4.56
N GLY A 274 11.32 -8.23 5.72
CA GLY A 274 11.43 -9.49 6.40
C GLY A 274 12.48 -9.51 7.47
N GLU A 275 13.35 -8.50 7.49
CA GLU A 275 14.41 -8.43 8.48
C GLU A 275 13.82 -7.98 9.82
N ASP A 276 14.41 -8.41 10.94
CA ASP A 276 14.08 -7.88 12.23
C ASP A 276 14.89 -6.68 12.58
N LEU A 277 14.44 -5.97 13.61
CA LEU A 277 15.19 -4.88 14.20
C LEU A 277 15.69 -5.35 15.56
N GLU A 278 16.35 -4.46 16.27
CA GLU A 278 16.71 -4.70 17.66
C GLU A 278 16.13 -3.63 18.56
N LEU A 279 15.60 -4.09 19.71
CA LEU A 279 15.05 -3.25 20.77
C LEU A 279 16.06 -3.18 21.91
N LYS A 280 16.28 -1.99 22.44
CA LYS A 280 17.17 -1.82 23.59
C LYS A 280 16.49 -2.20 24.89
N MSE A 281 17.20 -2.93 25.74
CA MSE A 281 16.71 -3.18 27.10
C MSE A 281 17.85 -3.45 28.05
O MSE A 281 18.52 -4.49 27.97
CB MSE A 281 15.72 -4.33 27.09
CG MSE A 281 15.93 -5.28 25.93
SE MSE A 281 14.37 -6.34 25.62
CE MSE A 281 12.91 -5.12 26.06
N GLY A 282 18.08 -2.51 28.96
CA GLY A 282 19.29 -2.51 29.76
C GLY A 282 20.44 -2.19 28.84
N GLU A 283 21.49 -3.01 28.90
CA GLU A 283 22.67 -2.84 28.05
C GLU A 283 22.64 -3.82 26.89
N ASN A 284 21.54 -4.58 26.79
CA ASN A 284 21.38 -5.60 25.77
C ASN A 284 20.49 -5.12 24.64
N TRP A 285 20.57 -5.82 23.51
CA TRP A 285 19.68 -5.58 22.38
C TRP A 285 19.01 -6.88 22.01
N ARG A 286 17.71 -6.84 21.73
CA ARG A 286 16.94 -8.03 21.47
C ARG A 286 16.25 -7.89 20.13
N ARG A 287 16.48 -8.85 19.25
CA ARG A 287 15.85 -8.88 17.95
C ARG A 287 14.34 -8.89 18.15
N THR A 288 13.66 -8.01 17.42
CA THR A 288 12.23 -7.76 17.59
C THR A 288 11.65 -7.31 16.25
N GLY A 289 10.44 -7.75 15.94
CA GLY A 289 9.69 -7.19 14.83
C GLY A 289 10.04 -7.76 13.47
N THR A 290 9.28 -7.33 12.49
CA THR A 290 9.51 -7.67 11.10
C THR A 290 9.33 -6.41 10.28
N VAL A 291 10.38 -6.01 9.56
CA VAL A 291 10.33 -4.83 8.71
C VAL A 291 9.49 -5.13 7.48
N LEU A 292 8.58 -4.22 7.14
CA LEU A 292 7.85 -4.28 5.88
C LEU A 292 8.52 -3.46 4.78
N ALA A 293 9.04 -2.29 5.14
CA ALA A 293 9.64 -1.38 4.16
C ALA A 293 10.48 -0.36 4.88
N ALA A 294 11.47 0.19 4.18
CA ALA A 294 12.30 1.24 4.73
C ALA A 294 12.85 2.09 3.61
N VAL A 295 13.06 3.37 3.88
CA VAL A 295 13.61 4.32 2.91
C VAL A 295 14.52 5.29 3.67
N LYS A 296 15.54 5.81 2.98
CA LYS A 296 16.35 6.89 3.53
C LYS A 296 15.92 8.19 2.84
N LEU A 297 15.58 9.19 3.63
CA LEU A 297 15.08 10.47 3.12
C LEU A 297 16.18 11.50 2.90
N GLU A 298 15.88 12.49 2.06
CA GLU A 298 16.77 13.61 1.77
C GLU A 298 17.26 14.29 3.06
N ASP A 299 16.38 14.49 4.05
CA ASP A 299 16.78 15.22 5.27
C ASP A 299 17.55 14.35 6.26
N GLY A 300 17.78 13.09 5.88
CA GLY A 300 18.81 12.24 6.50
C GLY A 300 18.30 11.01 7.20
N GLN A 301 17.04 11.06 7.57
CA GLN A 301 16.47 10.06 8.41
C GLN A 301 16.18 8.83 7.57
N VAL A 302 16.30 7.73 8.26
CA VAL A 302 15.78 6.47 7.80
C VAL A 302 14.38 6.35 8.40
N VAL A 303 13.40 5.97 7.57
CA VAL A 303 12.05 5.73 8.04
C VAL A 303 11.69 4.28 7.74
N VAL A 304 11.03 3.63 8.70
CA VAL A 304 10.82 2.20 8.66
C VAL A 304 9.41 1.86 9.07
N GLN A 305 8.79 0.99 8.29
CA GLN A 305 7.48 0.42 8.63
C GLN A 305 7.75 -0.99 9.15
N VAL A 306 7.22 -1.30 10.32
CA VAL A 306 7.55 -2.55 11.00
C VAL A 306 6.32 -3.11 11.74
N VAL A 307 6.19 -4.43 11.73
CA VAL A 307 5.18 -5.12 12.53
C VAL A 307 5.84 -5.64 13.80
N MSE A 308 5.26 -5.31 14.93
CA MSE A 308 5.78 -5.77 16.22
C MSE A 308 4.67 -5.74 17.24
O MSE A 308 3.56 -5.28 16.94
CB MSE A 308 6.99 -4.96 16.66
CG MSE A 308 6.85 -3.53 16.78
SE MSE A 308 8.66 -2.71 17.06
CE MSE A 308 7.97 -0.93 17.01
N ASN A 309 4.97 -6.19 18.44
CA ASN A 309 3.96 -6.25 19.50
C ASN A 309 3.21 -4.93 19.62
N ASN A 310 1.90 -5.01 19.89
CA ASN A 310 1.06 -3.82 19.88
C ASN A 310 1.21 -2.95 21.12
N ASP A 311 1.97 -3.44 22.10
CA ASP A 311 2.09 -2.74 23.38
C ASP A 311 3.49 -2.19 23.66
N MSE A 312 4.26 -1.89 22.61
CA MSE A 312 5.58 -1.29 22.79
C MSE A 312 5.46 0.02 23.52
O MSE A 312 4.59 0.82 23.21
CB MSE A 312 6.25 -1.02 21.43
CB MSE A 312 6.28 -1.01 21.44
CG MSE A 312 6.84 -2.24 20.79
CG MSE A 312 6.29 -2.15 20.47
SE MSE A 312 8.37 -2.86 21.82
SE MSE A 312 6.96 -3.77 21.30
CE MSE A 312 8.59 -4.58 20.94
CE MSE A 312 8.86 -3.44 21.15
N GLU A 313 6.37 0.27 24.47
CA GLU A 313 6.41 1.54 25.16
C GLU A 313 6.80 2.65 24.20
N PRO A 314 6.18 3.83 24.32
CA PRO A 314 6.44 4.95 23.40
C PRO A 314 7.89 5.44 23.36
N ASP A 315 8.63 5.26 24.46
CA ASP A 315 10.02 5.68 24.52
C ASP A 315 11.00 4.54 24.20
N SER A 316 10.51 3.46 23.60
CA SER A 316 11.37 2.37 23.18
C SER A 316 12.44 2.84 22.21
N ILE A 317 13.63 2.26 22.33
CA ILE A 317 14.75 2.58 21.46
C ILE A 317 15.05 1.37 20.59
N PHE A 318 15.05 1.60 19.27
CA PHE A 318 15.36 0.54 18.32
C PHE A 318 16.61 0.83 17.53
N ARG A 319 17.11 -0.20 16.82
CA ARG A 319 18.13 0.03 15.82
C ARG A 319 18.03 -1.04 14.75
N VAL A 320 18.53 -0.69 13.56
CA VAL A 320 18.90 -1.68 12.58
C VAL A 320 19.99 -2.55 13.21
N ARG A 321 19.99 -3.85 12.95
CA ARG A 321 20.89 -4.75 13.66
C ARG A 321 22.34 -4.23 13.72
N ASP A 322 22.88 -4.21 14.93
CA ASP A 322 24.26 -3.81 15.19
C ASP A 322 24.62 -2.39 14.81
N ASP A 323 23.63 -1.51 14.67
CA ASP A 323 23.91 -0.15 14.21
C ASP A 323 24.45 0.71 15.35
N ALA A 324 25.25 1.71 15.00
CA ALA A 324 25.70 2.73 15.95
C ALA A 324 24.63 3.73 16.33
N ASN A 325 23.59 3.86 15.49
CA ASN A 325 22.56 4.85 15.72
C ASN A 325 21.21 4.18 15.89
N THR A 326 20.22 4.98 16.24
CA THR A 326 18.95 4.44 16.72
C THR A 326 17.73 4.98 15.97
N LEU A 327 16.63 4.27 16.18
CA LEU A 327 15.32 4.58 15.63
C LEU A 327 14.36 4.73 16.80
N HIS A 328 13.34 5.55 16.59
CA HIS A 328 12.33 5.81 17.63
C HIS A 328 10.96 5.79 16.98
N ILE A 329 9.94 5.56 17.79
CA ILE A 329 8.56 5.53 17.33
C ILE A 329 8.05 6.93 17.00
N GLU A 330 7.44 7.08 15.83
CA GLU A 330 6.74 8.28 15.46
C GLU A 330 5.27 7.93 15.52
N PRO A 331 4.48 8.75 16.21
CA PRO A 331 3.14 8.33 16.47
C PRO A 331 2.43 8.10 15.16
N LEU A 332 1.73 7.01 15.10
CA LEU A 332 0.98 6.71 13.93
C LEU A 332 -0.06 7.79 13.73
N PRO A 333 -0.31 8.18 12.47
CA PRO A 333 -1.29 9.22 12.19
C PRO A 333 -2.77 8.86 12.34
N TYR A 334 -3.08 7.61 12.66
CA TYR A 334 -4.46 7.16 12.89
C TYR A 334 -4.49 6.31 14.12
N SER A 335 -5.69 6.23 14.71
CA SER A 335 -5.90 5.49 15.91
C SER A 335 -6.22 4.04 15.60
N LEU A 336 -5.81 3.16 16.52
CA LEU A 336 -6.19 1.76 16.52
C LEU A 336 -7.30 1.47 17.52
N GLU A 337 -7.87 2.51 18.12
CA GLU A 337 -8.92 2.32 19.13
C GLU A 337 -10.28 2.14 18.46
C ACT B . -0.77 1.98 -3.19
O ACT B . -1.80 1.30 -2.90
OXT ACT B . -0.39 2.90 -2.42
CH3 ACT B . -0.01 1.73 -4.46
CA CA C . 15.11 18.42 -2.62
CL CL D . 0.24 -12.33 12.29
C1 EDO E . 5.11 3.13 -14.36
O1 EDO E . 6.17 2.69 -15.26
C2 EDO E . 4.47 1.96 -13.62
O2 EDO E . 3.62 1.11 -14.43
C1 EDO F . -9.77 -17.27 -14.61
O1 EDO F . -8.76 -16.52 -15.31
C2 EDO F . -9.33 -18.68 -14.39
O2 EDO F . -8.21 -18.60 -13.50
C1 EDO G . 18.60 -10.08 1.02
O1 EDO G . 17.83 -11.07 1.66
O1 EDO G . 19.20 -9.00 0.27
C2 EDO G . 19.82 -10.31 1.97
O2 EDO G . 20.99 -9.65 1.47
#